data_4H6R
#
_entry.id   4H6R
#
_cell.length_a   43.352
_cell.length_b   95.688
_cell.length_c   135.964
_cell.angle_alpha   90.000
_cell.angle_beta   90.000
_cell.angle_gamma   90.000
#
_symmetry.space_group_name_H-M   'P 21 21 21'
#
loop_
_entity.id
_entity.type
_entity.pdbx_description
1 polymer 'Proline dehydrogenase'
2 non-polymer 'DIHYDROFLAVINE-ADENINE DINUCLEOTIDE'
3 non-polymer 'ACETATE ION'
4 water water
#
_entity_poly.entity_id   1
_entity_poly.type   'polypeptide(L)'
_entity_poly.pdbx_seq_one_letter_code
;GHMIDQLYRKAVLTVAERPQVEQLARQKMWNLAERFVAGESIESAIQAVQALERDGIAGNLDLLGEFIDSPAKCTEFADD
VIKLIEAAHAAGIKPYVSIKLSSVGQGKDENGEDLGLTNARRIIAKAKEYGGFICLDMEDHTRVDVTLEQFRTLVGEFGA
EHVGTVLQSYLYRSLGDRASLDDLRPNIRMVKGAYLEPATVAYPDKADVDQNYRRLVFQHLKAGNYTNVATHDERIIDDV
KRFVLAHGIGKDAFEFQMLYGIRRDLQKQLAAEGYRVRVYLPYGRDWYAYFSRRIAETPRNAAFVVQGMLKG
;
_entity_poly.pdbx_strand_id   A,C
#
# COMPACT_ATOMS: atom_id res chain seq x y z
N LYS A 28 -17.95 -11.16 3.18
CA LYS A 28 -18.70 -9.94 2.93
C LYS A 28 -17.81 -8.70 3.04
N MET A 29 -16.68 -8.73 2.33
CA MET A 29 -15.90 -7.53 2.18
C MET A 29 -16.75 -6.58 1.32
N TRP A 30 -17.55 -7.14 0.42
CA TRP A 30 -18.32 -6.32 -0.51
C TRP A 30 -19.35 -5.41 0.21
N ASN A 31 -19.92 -5.88 1.32
CA ASN A 31 -20.85 -5.05 2.09
C ASN A 31 -20.18 -3.76 2.56
N LEU A 32 -18.86 -3.79 2.61
CA LEU A 32 -18.07 -2.63 3.03
C LEU A 32 -17.59 -1.89 1.80
N ALA A 33 -17.10 -2.65 0.83
CA ALA A 33 -16.41 -2.02 -0.28
C ALA A 33 -17.39 -1.24 -1.17
N GLU A 34 -18.68 -1.59 -1.10
CA GLU A 34 -19.74 -0.92 -1.89
C GLU A 34 -19.75 0.58 -1.65
N ARG A 35 -19.19 1.01 -0.53
CA ARG A 35 -19.05 2.44 -0.26
C ARG A 35 -18.09 3.15 -1.23
N PHE A 36 -17.06 2.43 -1.70
CA PHE A 36 -15.96 3.03 -2.40
C PHE A 36 -15.87 2.58 -3.84
N VAL A 37 -16.59 1.50 -4.17
CA VAL A 37 -16.52 0.84 -5.48
C VAL A 37 -17.93 0.79 -6.06
N ALA A 38 -18.08 1.24 -7.31
CA ALA A 38 -19.40 1.33 -7.91
C ALA A 38 -20.11 -0.04 -7.93
N GLY A 39 -19.35 -1.06 -8.29
CA GLY A 39 -19.90 -2.38 -8.52
C GLY A 39 -18.86 -3.08 -9.32
N GLU A 40 -19.18 -4.26 -9.86
CA GLU A 40 -18.19 -5.03 -10.61
C GLU A 40 -18.42 -5.02 -12.14
N SER A 41 -19.43 -4.30 -12.60
CA SER A 41 -19.74 -4.33 -14.04
C SER A 41 -19.80 -2.93 -14.63
N ILE A 42 -19.75 -2.85 -15.95
CA ILE A 42 -19.91 -1.59 -16.63
C ILE A 42 -21.31 -1.02 -16.29
N GLU A 43 -22.28 -1.91 -16.22
CA GLU A 43 -23.65 -1.51 -15.93
C GLU A 43 -23.71 -0.79 -14.56
N SER A 44 -23.06 -1.35 -13.55
CA SER A 44 -23.11 -0.76 -12.20
C SER A 44 -22.38 0.57 -12.18
N ALA A 45 -21.35 0.70 -13.00
CA ALA A 45 -20.62 1.97 -13.05
C ALA A 45 -21.49 3.07 -13.67
N ILE A 46 -22.17 2.73 -14.75
CA ILE A 46 -23.01 3.68 -15.46
C ILE A 46 -24.13 4.12 -14.55
N GLN A 47 -24.70 3.18 -13.81
CA GLN A 47 -25.77 3.52 -12.89
C GLN A 47 -25.28 4.49 -11.81
N ALA A 48 -24.06 4.28 -11.34
CA ALA A 48 -23.49 5.14 -10.33
C ALA A 48 -23.23 6.53 -10.89
N VAL A 49 -22.70 6.63 -12.12
CA VAL A 49 -22.52 7.96 -12.73
C VAL A 49 -23.88 8.66 -12.84
N GLN A 50 -24.89 7.91 -13.30
CA GLN A 50 -26.21 8.53 -13.45
C GLN A 50 -26.73 9.06 -12.13
N ALA A 51 -26.47 8.34 -11.03
CA ALA A 51 -26.87 8.84 -9.71
C ALA A 51 -26.15 10.13 -9.30
N LEU A 52 -24.83 10.19 -9.55
CA LEU A 52 -24.06 11.39 -9.24
C LEU A 52 -24.65 12.54 -10.04
N GLU A 53 -24.87 12.30 -11.33
CA GLU A 53 -25.43 13.35 -12.18
C GLU A 53 -26.75 13.88 -11.70
N ARG A 54 -27.63 13.02 -11.20
CA ARG A 54 -28.90 13.49 -10.62
C ARG A 54 -28.70 14.44 -9.44
N ASP A 55 -27.56 14.31 -8.76
CA ASP A 55 -27.19 15.18 -7.63
C ASP A 55 -26.33 16.35 -8.05
N GLY A 56 -26.17 16.56 -9.35
CA GLY A 56 -25.41 17.71 -9.83
C GLY A 56 -23.91 17.51 -9.76
N ILE A 57 -23.47 16.25 -9.75
CA ILE A 57 -22.03 15.94 -9.62
C ILE A 57 -21.63 15.12 -10.84
N ALA A 58 -20.44 15.34 -11.38
CA ALA A 58 -19.99 14.60 -12.57
C ALA A 58 -19.24 13.35 -12.12
N GLY A 59 -19.05 12.44 -13.06
CA GLY A 59 -18.29 11.24 -12.79
C GLY A 59 -16.94 11.16 -13.50
N ASN A 60 -16.08 10.31 -12.95
CA ASN A 60 -14.73 10.12 -13.45
C ASN A 60 -14.49 8.62 -13.24
N LEU A 61 -14.59 7.85 -14.32
CA LEU A 61 -14.59 6.38 -14.23
C LEU A 61 -13.19 5.80 -14.19
N ASP A 62 -13.01 4.77 -13.38
CA ASP A 62 -11.73 4.10 -13.23
C ASP A 62 -11.94 2.59 -13.26
N LEU A 63 -11.58 1.94 -14.36
CA LEU A 63 -11.62 0.47 -14.34
C LEU A 63 -10.50 -0.08 -13.47
N LEU A 64 -10.85 -0.98 -12.57
CA LEU A 64 -9.87 -1.60 -11.72
C LEU A 64 -9.33 -2.85 -12.43
N GLY A 65 -8.07 -3.19 -12.22
CA GLY A 65 -7.56 -4.47 -12.67
C GLY A 65 -6.27 -4.82 -11.95
N GLU A 66 -6.03 -6.10 -11.72
CA GLU A 66 -4.82 -6.51 -11.01
C GLU A 66 -3.74 -7.24 -11.83
N PHE A 67 -4.13 -8.10 -12.77
CA PHE A 67 -3.15 -9.03 -13.37
C PHE A 67 -2.26 -8.45 -14.48
N ILE A 68 -2.35 -7.14 -14.72
CA ILE A 68 -1.89 -6.54 -15.97
C ILE A 68 -0.36 -6.52 -16.12
N ASP A 69 0.19 -7.67 -16.50
CA ASP A 69 1.62 -7.96 -16.47
C ASP A 69 2.07 -8.65 -17.77
N SER A 70 1.30 -8.45 -18.82
CA SER A 70 1.65 -9.01 -20.12
C SER A 70 1.09 -8.07 -21.19
N PRO A 71 1.77 -8.02 -22.36
CA PRO A 71 1.26 -7.15 -23.44
C PRO A 71 -0.20 -7.52 -23.80
N ALA A 72 -0.53 -8.81 -23.78
CA ALA A 72 -1.89 -9.24 -24.10
C ALA A 72 -2.90 -8.64 -23.09
N LYS A 73 -2.61 -8.82 -21.81
CA LYS A 73 -3.51 -8.33 -20.79
C LYS A 73 -3.60 -6.82 -20.76
N CYS A 74 -2.50 -6.11 -21.02
CA CYS A 74 -2.57 -4.65 -21.09
C CYS A 74 -3.51 -4.17 -22.20
N THR A 75 -3.52 -4.90 -23.30
CA THR A 75 -4.32 -4.47 -24.45
C THR A 75 -5.78 -4.85 -24.22
N GLU A 76 -6.00 -6.01 -23.60
CA GLU A 76 -7.36 -6.39 -23.14
C GLU A 76 -7.96 -5.32 -22.22
N PHE A 77 -7.15 -4.83 -21.28
CA PHE A 77 -7.55 -3.75 -20.37
C PHE A 77 -7.95 -2.52 -21.17
N ALA A 78 -7.10 -2.10 -22.12
CA ALA A 78 -7.45 -0.96 -22.98
C ALA A 78 -8.78 -1.21 -23.69
N ASP A 79 -8.98 -2.42 -24.20
CA ASP A 79 -10.21 -2.73 -24.89
C ASP A 79 -11.40 -2.62 -23.93
N ASP A 80 -11.18 -3.04 -22.68
CA ASP A 80 -12.25 -2.93 -21.68
C ASP A 80 -12.56 -1.46 -21.36
N VAL A 81 -11.55 -0.60 -21.36
CA VAL A 81 -11.80 0.84 -21.16
C VAL A 81 -12.60 1.37 -22.36
N ILE A 82 -12.28 0.88 -23.56
CA ILE A 82 -13.04 1.32 -24.72
C ILE A 82 -14.49 0.83 -24.63
N LYS A 83 -14.71 -0.39 -24.15
CA LYS A 83 -16.09 -0.87 -24.02
C LYS A 83 -16.88 0.01 -23.04
N LEU A 84 -16.19 0.43 -21.97
CA LEU A 84 -16.75 1.38 -20.99
C LEU A 84 -17.16 2.68 -21.67
N ILE A 85 -16.22 3.22 -22.46
CA ILE A 85 -16.49 4.50 -23.16
C ILE A 85 -17.70 4.38 -24.11
N GLU A 86 -17.79 3.27 -24.85
CA GLU A 86 -18.98 3.07 -25.67
C GLU A 86 -20.28 2.99 -24.85
N ALA A 87 -20.23 2.33 -23.69
CA ALA A 87 -21.44 2.11 -22.90
C ALA A 87 -21.89 3.43 -22.27
N ALA A 88 -20.92 4.22 -21.81
CA ALA A 88 -21.18 5.55 -21.23
C ALA A 88 -21.81 6.43 -22.31
N HIS A 89 -21.20 6.42 -23.48
CA HIS A 89 -21.76 7.22 -24.59
C HIS A 89 -23.16 6.76 -24.94
N ALA A 90 -23.38 5.43 -24.98
CA ALA A 90 -24.74 4.92 -25.29
C ALA A 90 -25.79 5.35 -24.27
N ALA A 91 -25.35 5.54 -23.05
CA ALA A 91 -26.21 5.87 -21.91
C ALA A 91 -26.36 7.39 -21.78
N GLY A 92 -25.78 8.13 -22.72
CA GLY A 92 -25.93 9.59 -22.75
C GLY A 92 -24.97 10.33 -21.82
N ILE A 93 -23.87 9.70 -21.47
CA ILE A 93 -22.89 10.33 -20.56
C ILE A 93 -21.66 10.76 -21.35
N LYS A 94 -21.13 11.96 -21.12
CA LYS A 94 -19.85 12.33 -21.76
C LYS A 94 -18.75 11.54 -21.10
N PRO A 95 -18.04 10.70 -21.87
CA PRO A 95 -17.02 9.83 -21.29
C PRO A 95 -15.94 10.65 -20.59
N TYR A 96 -15.69 10.37 -19.31
CA TYR A 96 -14.54 10.94 -18.60
C TYR A 96 -13.95 9.78 -17.81
N VAL A 97 -12.75 9.37 -18.18
CA VAL A 97 -12.17 8.14 -17.63
C VAL A 97 -10.74 8.41 -17.24
N SER A 98 -10.29 7.82 -16.14
CA SER A 98 -8.87 7.92 -15.74
C SER A 98 -8.21 6.57 -15.92
N ILE A 99 -7.01 6.58 -16.47
CA ILE A 99 -6.27 5.32 -16.62
C ILE A 99 -4.86 5.48 -16.12
N LYS A 100 -4.29 4.37 -15.63
CA LYS A 100 -2.86 4.30 -15.36
C LYS A 100 -2.21 3.76 -16.62
N LEU A 101 -1.24 4.47 -17.18
CA LEU A 101 -0.63 3.95 -18.42
C LEU A 101 0.04 2.59 -18.26
N SER A 102 0.48 2.24 -17.05
CA SER A 102 1.10 0.94 -16.87
C SER A 102 0.08 -0.15 -17.21
N SER A 103 -1.19 0.11 -16.89
CA SER A 103 -2.22 -0.90 -17.13
C SER A 103 -2.49 -1.15 -18.62
N VAL A 104 -2.11 -0.21 -19.47
CA VAL A 104 -2.32 -0.42 -20.91
C VAL A 104 -1.03 -0.59 -21.68
N GLY A 105 0.06 -0.79 -20.97
CA GLY A 105 1.30 -1.27 -21.58
C GLY A 105 2.51 -0.33 -21.53
N GLN A 106 2.42 0.74 -20.74
CA GLN A 106 3.53 1.72 -20.70
C GLN A 106 4.83 1.03 -20.30
N GLY A 107 5.88 1.20 -21.11
CA GLY A 107 7.16 0.59 -20.78
C GLY A 107 7.37 -0.71 -21.52
N LYS A 108 6.36 -1.13 -22.26
CA LYS A 108 6.48 -2.32 -23.10
C LYS A 108 6.57 -1.94 -24.57
N ASP A 109 7.49 -2.56 -25.27
CA ASP A 109 7.63 -2.29 -26.68
C ASP A 109 6.87 -3.33 -27.51
N GLU A 110 5.95 -2.88 -28.37
CA GLU A 110 5.29 -3.77 -29.34
C GLU A 110 5.55 -3.23 -30.73
N ASN A 111 6.28 -4.01 -31.53
CA ASN A 111 6.65 -3.59 -32.88
C ASN A 111 7.29 -2.21 -32.94
N GLY A 112 8.18 -1.94 -31.98
CA GLY A 112 8.98 -0.74 -32.01
C GLY A 112 8.28 0.51 -31.49
N GLU A 113 7.06 0.39 -30.96
CA GLU A 113 6.41 1.55 -30.32
C GLU A 113 5.92 1.15 -28.94
N ASP A 114 5.85 2.10 -28.04
CA ASP A 114 5.49 1.81 -26.66
C ASP A 114 4.01 1.43 -26.63
N LEU A 115 3.72 0.28 -26.05
CA LEU A 115 2.35 -0.26 -26.07
C LEU A 115 1.37 0.65 -25.35
N GLY A 116 1.83 1.32 -24.29
CA GLY A 116 0.97 2.22 -23.54
C GLY A 116 0.55 3.37 -24.39
N LEU A 117 1.50 3.94 -25.15
CA LEU A 117 1.20 5.05 -26.03
C LEU A 117 0.23 4.60 -27.14
N THR A 118 0.49 3.42 -27.70
CA THR A 118 -0.41 2.90 -28.74
C THR A 118 -1.84 2.73 -28.21
N ASN A 119 -1.97 2.11 -27.05
CA ASN A 119 -3.29 1.87 -26.49
C ASN A 119 -3.95 3.14 -26.00
N ALA A 120 -3.15 4.05 -25.47
CA ALA A 120 -3.73 5.33 -25.04
C ALA A 120 -4.32 6.09 -26.23
N ARG A 121 -3.62 6.05 -27.36
CA ARG A 121 -4.16 6.68 -28.56
C ARG A 121 -5.51 6.10 -28.93
N ARG A 122 -5.64 4.78 -28.87
CA ARG A 122 -6.95 4.18 -29.20
C ARG A 122 -8.04 4.65 -28.24
N ILE A 123 -7.70 4.70 -26.96
CA ILE A 123 -8.67 5.04 -25.92
C ILE A 123 -9.07 6.51 -26.02
N ILE A 124 -8.09 7.40 -26.21
CA ILE A 124 -8.39 8.86 -26.29
C ILE A 124 -9.17 9.17 -27.58
N ALA A 125 -8.80 8.53 -28.68
CA ALA A 125 -9.52 8.78 -29.94
C ALA A 125 -10.99 8.47 -29.77
N LYS A 126 -11.27 7.40 -29.05
CA LYS A 126 -12.65 6.95 -28.88
C LYS A 126 -13.36 7.91 -27.92
N ALA A 127 -12.71 8.26 -26.82
CA ALA A 127 -13.34 9.25 -25.92
C ALA A 127 -13.61 10.55 -26.66
N LYS A 128 -12.62 11.01 -27.42
CA LYS A 128 -12.77 12.27 -28.15
C LYS A 128 -13.90 12.24 -29.15
N GLU A 129 -14.05 11.11 -29.85
CA GLU A 129 -15.15 11.02 -30.83
C GLU A 129 -16.49 11.36 -30.15
N TYR A 130 -16.62 11.05 -28.86
CA TYR A 130 -17.88 11.22 -28.15
C TYR A 130 -17.79 12.45 -27.26
N GLY A 131 -16.90 13.39 -27.58
CA GLY A 131 -16.76 14.62 -26.81
C GLY A 131 -16.30 14.42 -25.37
N GLY A 132 -15.48 13.38 -25.14
CA GLY A 132 -15.08 13.00 -23.79
C GLY A 132 -13.62 13.28 -23.47
N PHE A 133 -13.13 12.70 -22.39
CA PHE A 133 -11.85 13.13 -21.84
C PHE A 133 -11.20 11.96 -21.12
N ILE A 134 -9.87 11.89 -21.21
CA ILE A 134 -9.14 10.83 -20.50
C ILE A 134 -8.10 11.49 -19.63
N CYS A 135 -8.04 11.07 -18.36
CA CYS A 135 -6.96 11.53 -17.49
C CYS A 135 -5.90 10.44 -17.36
N LEU A 136 -4.63 10.78 -17.59
CA LEU A 136 -3.55 9.84 -17.33
C LEU A 136 -3.12 10.00 -15.88
N ASP A 137 -3.50 9.04 -15.05
CA ASP A 137 -3.20 9.13 -13.62
C ASP A 137 -1.69 9.05 -13.45
N MET A 138 -1.20 9.55 -12.32
CA MET A 138 0.25 9.46 -12.10
C MET A 138 0.57 8.37 -11.11
N GLU A 139 1.48 7.49 -11.52
CA GLU A 139 1.90 6.35 -10.70
C GLU A 139 3.13 6.69 -9.88
N ASP A 140 3.98 5.72 -9.54
CA ASP A 140 5.09 5.98 -8.62
C ASP A 140 6.17 6.78 -9.35
N HIS A 141 7.18 7.23 -8.61
CA HIS A 141 8.13 8.22 -9.16
C HIS A 141 8.88 7.72 -10.39
N THR A 142 9.00 6.40 -10.57
CA THR A 142 9.78 5.88 -11.67
C THR A 142 9.11 6.10 -13.02
N ARG A 143 7.83 6.46 -13.01
CA ARG A 143 7.08 6.58 -14.26
C ARG A 143 6.72 8.03 -14.59
N VAL A 144 7.15 8.98 -13.75
CA VAL A 144 6.81 10.40 -13.99
C VAL A 144 7.37 10.94 -15.32
N ASP A 145 8.66 10.74 -15.58
CA ASP A 145 9.23 11.29 -16.81
C ASP A 145 8.53 10.75 -18.06
N VAL A 146 8.34 9.44 -18.11
CA VAL A 146 7.71 8.88 -19.31
C VAL A 146 6.27 9.34 -19.42
N THR A 147 5.57 9.44 -18.30
CA THR A 147 4.17 9.82 -18.37
C THR A 147 4.02 11.27 -18.84
N LEU A 148 4.90 12.14 -18.38
CA LEU A 148 4.79 13.55 -18.79
C LEU A 148 5.21 13.69 -20.26
N GLU A 149 6.17 12.89 -20.72
CA GLU A 149 6.54 12.90 -22.16
C GLU A 149 5.37 12.39 -22.99
N GLN A 150 4.77 11.29 -22.55
CA GLN A 150 3.66 10.74 -23.31
C GLN A 150 2.46 11.66 -23.30
N PHE A 151 2.22 12.30 -22.16
CA PHE A 151 1.13 13.23 -22.05
C PHE A 151 1.32 14.37 -23.05
N ARG A 152 2.53 14.91 -23.12
CA ARG A 152 2.80 16.00 -24.10
C ARG A 152 2.53 15.52 -25.53
N THR A 153 2.99 14.32 -25.83
CA THR A 153 2.77 13.79 -27.18
C THR A 153 1.27 13.71 -27.46
N LEU A 154 0.53 13.14 -26.50
CA LEU A 154 -0.90 12.90 -26.72
C LEU A 154 -1.68 14.21 -26.78
N VAL A 155 -1.28 15.22 -26.00
CA VAL A 155 -1.94 16.53 -26.11
C VAL A 155 -1.78 17.08 -27.53
N GLY A 156 -0.59 16.91 -28.09
CA GLY A 156 -0.32 17.33 -29.45
C GLY A 156 -1.18 16.60 -30.46
N GLU A 157 -1.55 15.36 -30.16
CA GLU A 157 -2.29 14.56 -31.14
C GLU A 157 -3.78 14.73 -31.03
N PHE A 158 -4.26 14.99 -29.82
CA PHE A 158 -5.70 14.95 -29.55
C PHE A 158 -6.26 16.21 -28.93
N GLY A 159 -5.41 17.07 -28.41
CA GLY A 159 -5.84 18.34 -27.82
C GLY A 159 -5.93 18.34 -26.31
N ALA A 160 -5.67 19.51 -25.72
CA ALA A 160 -5.67 19.61 -24.28
C ALA A 160 -7.10 19.50 -23.72
N GLU A 161 -8.12 19.63 -24.57
CA GLU A 161 -9.47 19.48 -24.07
C GLU A 161 -9.86 18.01 -23.94
N HIS A 162 -9.01 17.12 -24.42
CA HIS A 162 -9.35 15.70 -24.43
C HIS A 162 -8.45 14.80 -23.65
N VAL A 163 -7.30 15.31 -23.20
CA VAL A 163 -6.43 14.46 -22.37
C VAL A 163 -5.81 15.29 -21.28
N GLY A 164 -5.78 14.75 -20.07
CA GLY A 164 -5.26 15.50 -18.92
C GLY A 164 -4.29 14.63 -18.17
N THR A 165 -3.70 15.15 -17.10
CA THR A 165 -2.86 14.31 -16.26
C THR A 165 -2.93 14.79 -14.82
N VAL A 166 -2.01 14.28 -14.01
CA VAL A 166 -2.04 14.43 -12.54
C VAL A 166 -0.68 14.80 -12.07
N LEU A 167 -0.59 15.73 -11.09
CA LEU A 167 0.68 15.94 -10.39
C LEU A 167 0.47 15.78 -8.89
N GLN A 168 1.49 15.20 -8.26
CA GLN A 168 1.45 14.85 -6.85
C GLN A 168 2.26 15.80 -5.99
N SER A 169 1.60 16.39 -5.00
CA SER A 169 2.30 17.47 -4.25
C SER A 169 3.40 16.97 -3.36
N TYR A 170 3.38 15.68 -3.03
CA TYR A 170 4.50 15.20 -2.19
C TYR A 170 5.86 15.15 -2.87
N LEU A 171 5.94 15.24 -4.21
CA LEU A 171 7.26 15.19 -4.88
C LEU A 171 7.94 16.55 -4.98
N TYR A 172 9.22 16.57 -4.65
CA TYR A 172 10.09 17.70 -4.85
C TYR A 172 10.01 18.24 -6.29
N ARG A 173 9.80 17.36 -7.25
CA ARG A 173 9.92 17.75 -8.65
C ARG A 173 8.63 18.36 -9.21
N SER A 174 7.52 18.20 -8.50
CA SER A 174 6.22 18.58 -9.08
C SER A 174 6.00 20.04 -9.50
N LEU A 175 6.44 21.00 -8.69
CA LEU A 175 6.31 22.41 -9.06
C LEU A 175 7.02 22.70 -10.39
N GLY A 176 8.23 22.18 -10.53
CA GLY A 176 8.96 22.32 -11.77
C GLY A 176 8.21 21.63 -12.89
N ASP A 177 7.65 20.44 -12.64
CA ASP A 177 6.93 19.74 -13.71
C ASP A 177 5.73 20.54 -14.16
N ARG A 178 4.99 21.09 -13.21
CA ARG A 178 3.79 21.85 -13.59
C ARG A 178 4.15 23.04 -14.47
N ALA A 179 5.17 23.78 -14.06
CA ALA A 179 5.58 24.94 -14.85
C ALA A 179 6.03 24.50 -16.26
N SER A 180 6.67 23.32 -16.36
CA SER A 180 7.21 22.90 -17.65
C SER A 180 6.09 22.59 -18.66
N LEU A 181 4.87 22.37 -18.17
CA LEU A 181 3.77 22.00 -19.05
C LEU A 181 2.91 23.21 -19.45
N ASP A 182 3.26 24.40 -18.97
CA ASP A 182 2.36 25.56 -19.17
C ASP A 182 2.07 25.88 -20.62
N ASP A 183 3.04 25.63 -21.50
CA ASP A 183 2.83 25.86 -22.94
C ASP A 183 1.67 25.03 -23.50
N LEU A 184 1.29 23.94 -22.82
CA LEU A 184 0.19 23.11 -23.31
C LEU A 184 -1.17 23.58 -22.78
N ARG A 185 -1.16 24.58 -21.88
CA ARG A 185 -2.40 24.99 -21.14
C ARG A 185 -3.19 23.76 -20.67
N PRO A 186 -2.54 22.89 -19.91
CA PRO A 186 -3.08 21.56 -19.67
C PRO A 186 -4.05 21.47 -18.49
N ASN A 187 -4.94 20.51 -18.64
CA ASN A 187 -5.90 20.14 -17.59
C ASN A 187 -5.14 19.21 -16.67
N ILE A 188 -4.90 19.62 -15.42
CA ILE A 188 -4.15 18.80 -14.49
C ILE A 188 -4.90 18.68 -13.17
N ARG A 189 -4.91 17.44 -12.66
CA ARG A 189 -5.47 17.16 -11.34
C ARG A 189 -4.34 17.20 -10.32
N MET A 190 -4.48 18.01 -9.26
CA MET A 190 -3.47 18.00 -8.19
C MET A 190 -3.91 17.04 -7.13
N VAL A 191 -3.01 16.15 -6.70
CA VAL A 191 -3.35 15.22 -5.61
C VAL A 191 -2.20 15.29 -4.63
N LYS A 192 -2.40 14.82 -3.40
CA LYS A 192 -1.26 14.85 -2.50
C LYS A 192 -0.19 13.80 -2.86
N GLY A 193 -0.66 12.66 -3.31
CA GLY A 193 0.23 11.57 -3.62
C GLY A 193 -0.13 10.28 -2.91
N ALA A 194 -0.16 9.15 -3.63
CA ALA A 194 -0.68 7.92 -3.06
C ALA A 194 0.36 6.85 -2.73
N TYR A 195 1.59 7.04 -3.19
CA TYR A 195 2.58 5.95 -3.09
C TYR A 195 3.52 6.10 -1.91
N LEU A 196 4.18 4.99 -1.56
CA LEU A 196 5.10 5.05 -0.42
C LEU A 196 6.46 5.41 -0.98
N GLU A 197 6.83 6.68 -0.87
CA GLU A 197 8.02 7.18 -1.57
C GLU A 197 9.03 7.61 -0.55
N PRO A 198 10.31 7.33 -0.80
CA PRO A 198 11.38 7.75 0.13
C PRO A 198 11.60 9.27 0.20
N ALA A 199 12.31 9.73 1.24
CA ALA A 199 12.47 11.16 1.48
C ALA A 199 13.43 11.81 0.48
N THR A 200 14.12 11.00 -0.33
CA THR A 200 14.95 11.54 -1.40
C THR A 200 14.09 11.96 -2.58
N VAL A 201 12.81 11.58 -2.56
CA VAL A 201 11.90 11.82 -3.68
C VAL A 201 10.64 12.62 -3.26
N ALA A 202 10.22 12.43 -2.02
CA ALA A 202 8.95 13.00 -1.54
C ALA A 202 9.16 13.61 -0.16
N TYR A 203 8.55 14.79 0.05
CA TYR A 203 8.58 15.47 1.36
C TYR A 203 8.06 14.51 2.42
N PRO A 204 8.85 14.27 3.45
CA PRO A 204 8.38 13.38 4.51
C PRO A 204 7.38 14.02 5.49
N ASP A 205 7.40 15.35 5.59
CA ASP A 205 6.55 16.08 6.52
C ASP A 205 5.21 16.40 5.87
N LYS A 206 4.12 15.96 6.49
CA LYS A 206 2.79 16.21 5.94
C LYS A 206 2.53 17.71 5.76
N ALA A 207 3.12 18.54 6.63
CA ALA A 207 2.92 20.00 6.50
C ALA A 207 3.46 20.51 5.17
N ASP A 208 4.59 19.97 4.75
CA ASP A 208 5.17 20.33 3.46
C ASP A 208 4.36 19.81 2.29
N VAL A 209 3.86 18.59 2.40
CA VAL A 209 2.99 18.05 1.37
C VAL A 209 1.77 18.97 1.16
N ASP A 210 1.16 19.41 2.27
CA ASP A 210 -0.03 20.26 2.20
C ASP A 210 0.26 21.65 1.67
N GLN A 211 1.37 22.25 2.10
CA GLN A 211 1.75 23.56 1.56
C GLN A 211 2.05 23.44 0.06
N ASN A 212 2.78 22.42 -0.32
CA ASN A 212 3.07 22.25 -1.75
C ASN A 212 1.82 22.00 -2.58
N TYR A 213 0.80 21.37 -1.98
CA TYR A 213 -0.46 21.12 -2.66
C TYR A 213 -1.11 22.47 -2.98
N ARG A 214 -1.14 23.36 -2.01
CA ARG A 214 -1.70 24.68 -2.29
C ARG A 214 -0.94 25.39 -3.37
N ARG A 215 0.40 25.31 -3.31
CA ARG A 215 1.22 25.95 -4.31
C ARG A 215 0.91 25.47 -5.73
N LEU A 216 0.79 24.15 -5.90
CA LEU A 216 0.46 23.60 -7.20
C LEU A 216 -0.90 24.07 -7.69
N VAL A 217 -1.90 23.97 -6.83
CA VAL A 217 -3.22 24.43 -7.20
C VAL A 217 -3.22 25.91 -7.59
N PHE A 218 -2.61 26.75 -6.76
CA PHE A 218 -2.67 28.20 -6.98
C PHE A 218 -1.85 28.58 -8.21
N GLN A 219 -0.69 27.95 -8.42
CA GLN A 219 0.11 28.33 -9.61
C GLN A 219 -0.65 27.92 -10.89
N HIS A 220 -1.33 26.78 -10.86
CA HIS A 220 -2.06 26.32 -12.05
C HIS A 220 -3.25 27.25 -12.36
N LEU A 221 -3.93 27.67 -11.29
CA LEU A 221 -5.08 28.59 -11.43
C LEU A 221 -4.60 29.97 -11.88
N LYS A 222 -3.47 30.41 -11.35
CA LYS A 222 -2.94 31.70 -11.78
C LYS A 222 -2.48 31.69 -13.23
N ALA A 223 -2.04 30.52 -13.71
CA ALA A 223 -1.68 30.37 -15.14
C ALA A 223 -2.91 30.26 -16.04
N GLY A 224 -4.10 30.14 -15.45
CA GLY A 224 -5.33 30.07 -16.22
C GLY A 224 -5.56 28.71 -16.82
N ASN A 225 -4.98 27.68 -16.20
CA ASN A 225 -5.13 26.32 -16.75
C ASN A 225 -6.21 25.61 -15.99
N TYR A 226 -6.92 24.69 -16.62
CA TYR A 226 -8.00 24.03 -15.87
C TYR A 226 -7.43 23.15 -14.78
N THR A 227 -7.98 23.27 -13.56
CA THR A 227 -7.35 22.63 -12.42
C THR A 227 -8.37 21.75 -11.71
N ASN A 228 -8.01 20.48 -11.45
CA ASN A 228 -8.91 19.65 -10.65
C ASN A 228 -8.31 19.51 -9.29
N VAL A 229 -9.06 19.95 -8.29
CA VAL A 229 -8.57 20.01 -6.93
C VAL A 229 -9.03 18.73 -6.24
N ALA A 230 -8.21 17.70 -6.37
CA ALA A 230 -8.56 16.34 -5.91
C ALA A 230 -8.05 16.11 -4.52
N THR A 231 -8.92 16.32 -3.53
CA THR A 231 -8.52 16.20 -2.14
C THR A 231 -9.77 16.08 -1.31
N HIS A 232 -9.68 15.45 -0.13
CA HIS A 232 -10.80 15.42 0.80
C HIS A 232 -10.48 16.22 2.06
N ASP A 233 -9.36 16.95 2.01
CA ASP A 233 -8.86 17.75 3.16
C ASP A 233 -9.68 19.06 3.23
N GLU A 234 -10.55 19.17 4.21
CA GLU A 234 -11.48 20.32 4.22
C GLU A 234 -10.77 21.67 4.44
N ARG A 235 -9.66 21.68 5.19
CA ARG A 235 -8.88 22.90 5.32
C ARG A 235 -8.39 23.41 3.96
N ILE A 236 -7.88 22.49 3.14
CA ILE A 236 -7.37 22.88 1.83
C ILE A 236 -8.55 23.30 0.95
N ILE A 237 -9.67 22.58 1.06
CA ILE A 237 -10.87 22.92 0.26
C ILE A 237 -11.30 24.35 0.60
N ASP A 238 -11.34 24.69 1.88
CA ASP A 238 -11.74 26.03 2.24
C ASP A 238 -10.77 27.11 1.73
N ASP A 239 -9.49 26.79 1.76
CA ASP A 239 -8.49 27.75 1.30
C ASP A 239 -8.57 27.93 -0.19
N VAL A 240 -8.85 26.87 -0.92
CA VAL A 240 -9.01 27.01 -2.37
C VAL A 240 -10.24 27.82 -2.67
N LYS A 241 -11.34 27.59 -1.94
CA LYS A 241 -12.52 28.45 -2.12
C LYS A 241 -12.19 29.91 -1.90
N ARG A 242 -11.45 30.17 -0.83
CA ARG A 242 -10.99 31.53 -0.52
C ARG A 242 -10.18 32.10 -1.68
N PHE A 243 -9.21 31.32 -2.18
CA PHE A 243 -8.31 31.78 -3.22
C PHE A 243 -9.09 32.17 -4.49
N VAL A 244 -10.03 31.30 -4.87
CA VAL A 244 -10.81 31.48 -6.07
C VAL A 244 -11.65 32.74 -5.94
N LEU A 245 -12.17 32.96 -4.74
CA LEU A 245 -12.94 34.17 -4.52
C LEU A 245 -12.06 35.42 -4.65
N ALA A 246 -10.91 35.42 -3.94
CA ALA A 246 -10.03 36.60 -3.89
C ALA A 246 -9.49 36.96 -5.27
N HIS A 247 -9.31 35.95 -6.11
CA HIS A 247 -8.71 36.14 -7.44
C HIS A 247 -9.73 36.30 -8.54
N GLY A 248 -11.02 36.27 -8.19
CA GLY A 248 -12.06 36.44 -9.21
C GLY A 248 -12.12 35.31 -10.24
N ILE A 249 -11.81 34.12 -9.78
CA ILE A 249 -11.77 32.98 -10.68
C ILE A 249 -13.18 32.37 -10.73
N GLY A 250 -13.63 32.04 -11.93
CA GLY A 250 -14.98 31.54 -12.04
C GLY A 250 -15.10 30.10 -11.61
N LYS A 251 -16.30 29.73 -11.18
CA LYS A 251 -16.55 28.36 -10.79
C LYS A 251 -16.58 27.46 -12.00
N ASP A 252 -16.47 28.04 -13.18
CA ASP A 252 -16.39 27.22 -14.39
C ASP A 252 -14.95 26.87 -14.73
N ALA A 253 -14.02 27.43 -13.99
CA ALA A 253 -12.60 27.34 -14.33
C ALA A 253 -11.85 26.23 -13.62
N PHE A 254 -12.52 25.47 -12.75
CA PHE A 254 -11.81 24.42 -12.01
C PHE A 254 -12.89 23.59 -11.38
N GLU A 255 -12.51 22.43 -10.83
CA GLU A 255 -13.49 21.62 -10.11
C GLU A 255 -12.83 20.96 -8.93
N PHE A 256 -13.65 20.58 -7.93
CA PHE A 256 -13.15 19.76 -6.85
C PHE A 256 -13.36 18.31 -7.27
N GLN A 257 -12.45 17.43 -6.86
CA GLN A 257 -12.61 16.00 -7.14
C GLN A 257 -12.43 15.19 -5.87
N MET A 258 -13.26 14.16 -5.70
CA MET A 258 -13.18 13.31 -4.49
C MET A 258 -13.32 11.86 -4.92
N LEU A 259 -12.80 10.94 -4.12
CA LEU A 259 -13.06 9.51 -4.34
C LEU A 259 -14.49 9.16 -3.90
N TYR A 260 -15.12 8.25 -4.65
CA TYR A 260 -16.46 7.75 -4.32
C TYR A 260 -16.46 7.31 -2.88
N GLY A 261 -17.41 7.82 -2.11
CA GLY A 261 -17.60 7.37 -0.75
C GLY A 261 -16.87 8.15 0.33
N ILE A 262 -16.04 9.11 -0.06
CA ILE A 262 -15.26 9.84 0.94
C ILE A 262 -15.72 11.30 0.94
N ARG A 263 -16.15 11.71 2.14
CA ARG A 263 -16.74 13.04 2.38
C ARG A 263 -17.86 13.32 1.42
N ARG A 264 -18.84 12.42 1.42
CA ARG A 264 -20.02 12.62 0.57
C ARG A 264 -20.75 13.89 0.96
N ASP A 265 -20.63 14.28 2.22
CA ASP A 265 -21.24 15.53 2.67
C ASP A 265 -20.57 16.74 2.01
N LEU A 266 -19.25 16.71 1.86
CA LEU A 266 -18.61 17.84 1.16
C LEU A 266 -18.93 17.81 -0.33
N GLN A 267 -18.97 16.63 -0.92
CA GLN A 267 -19.31 16.57 -2.33
C GLN A 267 -20.65 17.28 -2.55
N LYS A 268 -21.65 16.90 -1.76
CA LYS A 268 -22.98 17.51 -1.88
C LYS A 268 -22.98 19.01 -1.60
N GLN A 269 -22.29 19.40 -0.53
CA GLN A 269 -22.30 20.80 -0.11
C GLN A 269 -21.63 21.67 -1.19
N LEU A 270 -20.47 21.24 -1.68
CA LEU A 270 -19.79 22.02 -2.70
C LEU A 270 -20.66 22.13 -3.96
N ALA A 271 -21.33 21.05 -4.34
CA ALA A 271 -22.23 21.18 -5.51
C ALA A 271 -23.35 22.18 -5.23
N ALA A 272 -23.90 22.14 -4.02
CA ALA A 272 -24.99 23.05 -3.70
C ALA A 272 -24.53 24.52 -3.66
N GLU A 273 -23.25 24.76 -3.34
CA GLU A 273 -22.69 26.13 -3.33
C GLU A 273 -22.27 26.63 -4.72
N GLY A 274 -22.50 25.83 -5.74
CA GLY A 274 -22.23 26.29 -7.09
C GLY A 274 -20.92 25.80 -7.69
N TYR A 275 -20.12 25.05 -6.92
CA TYR A 275 -18.86 24.55 -7.50
C TYR A 275 -19.08 23.34 -8.38
N ARG A 276 -18.14 23.13 -9.30
CA ARG A 276 -18.09 21.90 -10.08
C ARG A 276 -17.45 20.85 -9.21
N VAL A 277 -18.08 19.66 -9.19
CA VAL A 277 -17.60 18.53 -8.37
C VAL A 277 -17.60 17.30 -9.27
N ARG A 278 -16.52 16.54 -9.30
CA ARG A 278 -16.50 15.36 -10.17
C ARG A 278 -15.92 14.24 -9.28
N VAL A 279 -16.64 13.13 -9.16
CA VAL A 279 -16.25 12.07 -8.24
C VAL A 279 -15.64 10.88 -9.01
N TYR A 280 -14.51 10.39 -8.50
CA TYR A 280 -13.77 9.28 -9.09
C TYR A 280 -14.47 7.99 -8.70
N LEU A 281 -14.86 7.19 -9.70
CA LEU A 281 -15.71 6.00 -9.52
C LEU A 281 -14.97 4.83 -10.05
N PRO A 282 -14.39 4.03 -9.18
CA PRO A 282 -13.80 2.75 -9.58
C PRO A 282 -14.84 1.66 -9.73
N TYR A 283 -14.61 0.71 -10.65
CA TYR A 283 -15.51 -0.41 -10.79
C TYR A 283 -14.72 -1.59 -11.35
N GLY A 284 -15.29 -2.78 -11.21
CA GLY A 284 -14.69 -3.95 -11.83
C GLY A 284 -14.54 -5.03 -10.78
N ARG A 285 -14.14 -6.22 -11.20
CA ARG A 285 -14.07 -7.34 -10.28
C ARG A 285 -12.86 -7.31 -9.37
N ASP A 286 -11.80 -6.64 -9.82
CA ASP A 286 -10.53 -6.65 -9.11
C ASP A 286 -10.44 -5.47 -8.13
N TRP A 287 -11.29 -5.46 -7.11
CA TRP A 287 -11.36 -4.28 -6.22
C TRP A 287 -10.62 -4.43 -4.92
N TYR A 288 -10.01 -5.58 -4.69
CA TYR A 288 -9.45 -5.82 -3.37
C TYR A 288 -8.36 -4.85 -3.00
N ALA A 289 -7.41 -4.61 -3.90
CA ALA A 289 -6.30 -3.71 -3.56
C ALA A 289 -6.78 -2.26 -3.40
N TYR A 290 -7.63 -1.82 -4.30
CA TYR A 290 -8.18 -0.46 -4.17
C TYR A 290 -8.90 -0.31 -2.84
N PHE A 291 -9.80 -1.26 -2.53
CA PHE A 291 -10.54 -1.26 -1.27
C PHE A 291 -9.59 -1.25 -0.07
N SER A 292 -8.54 -2.05 -0.13
CA SER A 292 -7.58 -2.08 0.98
C SER A 292 -6.94 -0.72 1.19
N ARG A 293 -6.74 0.07 0.12
CA ARG A 293 -6.10 1.38 0.34
C ARG A 293 -7.07 2.34 1.01
N ARG A 294 -8.36 2.23 0.70
CA ARG A 294 -9.36 3.05 1.40
C ARG A 294 -9.39 2.70 2.88
N ILE A 295 -9.40 1.40 3.19
CA ILE A 295 -9.29 0.95 4.58
C ILE A 295 -8.04 1.50 5.28
N ALA A 296 -6.88 1.39 4.62
CA ALA A 296 -5.61 1.85 5.22
C ALA A 296 -5.66 3.34 5.61
N GLU A 297 -6.41 4.12 4.85
CA GLU A 297 -6.41 5.58 4.99
C GLU A 297 -7.56 6.08 5.87
N THR A 298 -8.22 5.17 6.57
CA THR A 298 -9.25 5.55 7.52
C THR A 298 -8.67 6.46 8.63
N PRO A 299 -9.30 7.63 8.88
CA PRO A 299 -8.74 8.60 9.83
C PRO A 299 -8.91 8.24 11.31
N GLU B 22 -17.90 8.11 11.49
CA GLU B 22 -16.66 7.32 11.44
C GLU B 22 -16.70 6.13 12.37
N GLN B 23 -17.39 6.28 13.51
CA GLN B 23 -17.48 5.19 14.48
C GLN B 23 -18.25 4.00 13.88
N LEU B 24 -19.30 4.29 13.11
CA LEU B 24 -20.05 3.22 12.42
C LEU B 24 -19.11 2.50 11.44
N ALA B 25 -18.37 3.26 10.64
CA ALA B 25 -17.39 2.66 9.72
C ALA B 25 -16.40 1.73 10.46
N ARG B 26 -15.93 2.21 11.60
CA ARG B 26 -14.98 1.49 12.41
C ARG B 26 -15.55 0.19 12.95
N GLN B 27 -16.80 0.20 13.42
CA GLN B 27 -17.40 -1.04 13.90
C GLN B 27 -17.56 -2.06 12.77
N LYS B 28 -18.05 -1.61 11.61
CA LYS B 28 -18.22 -2.49 10.45
C LYS B 28 -16.90 -3.16 10.02
N MET B 29 -15.82 -2.38 10.02
CA MET B 29 -14.48 -2.93 9.75
C MET B 29 -14.00 -3.94 10.78
N TRP B 30 -14.18 -3.58 12.06
CA TRP B 30 -13.75 -4.43 13.15
C TRP B 30 -14.40 -5.80 13.05
N ASN B 31 -15.64 -5.82 12.59
CA ASN B 31 -16.33 -7.07 12.45
C ASN B 31 -15.58 -8.05 11.54
N LEU B 32 -14.88 -7.53 10.53
CA LEU B 32 -14.08 -8.38 9.64
C LEU B 32 -12.67 -8.51 10.17
N ALA B 33 -12.16 -7.40 10.70
CA ALA B 33 -10.78 -7.36 11.16
C ALA B 33 -10.55 -8.27 12.36
N GLU B 34 -11.60 -8.56 13.11
CA GLU B 34 -11.51 -9.41 14.32
C GLU B 34 -10.92 -10.80 14.01
N ARG B 35 -11.09 -11.23 12.76
CA ARG B 35 -10.51 -12.49 12.33
C ARG B 35 -8.97 -12.47 12.43
N PHE B 36 -8.37 -11.30 12.20
CA PHE B 36 -6.93 -11.18 12.00
C PHE B 36 -6.24 -10.53 13.15
N VAL B 37 -7.00 -9.94 14.05
CA VAL B 37 -6.42 -9.12 15.11
C VAL B 37 -6.99 -9.65 16.40
N ALA B 38 -6.13 -9.98 17.35
CA ALA B 38 -6.59 -10.71 18.52
C ALA B 38 -7.53 -9.84 19.36
N GLY B 39 -7.33 -8.53 19.31
CA GLY B 39 -8.19 -7.62 20.03
C GLY B 39 -7.40 -6.36 20.25
N GLU B 40 -7.93 -5.43 21.04
CA GLU B 40 -7.24 -4.16 21.19
C GLU B 40 -6.38 -4.03 22.43
N SER B 41 -6.41 -5.02 23.32
CA SER B 41 -5.65 -4.91 24.56
C SER B 41 -4.57 -5.98 24.72
N ILE B 42 -3.57 -5.70 25.56
CA ILE B 42 -2.58 -6.70 25.93
C ILE B 42 -3.26 -7.96 26.44
N GLU B 43 -4.33 -7.81 27.22
CA GLU B 43 -5.02 -8.99 27.77
C GLU B 43 -5.47 -9.97 26.70
N SER B 44 -6.13 -9.47 25.67
CA SER B 44 -6.69 -10.31 24.61
C SER B 44 -5.57 -11.03 23.86
N ALA B 45 -4.45 -10.31 23.70
CA ALA B 45 -3.26 -10.91 23.06
C ALA B 45 -2.70 -12.07 23.90
N ILE B 46 -2.61 -11.88 25.20
CA ILE B 46 -2.08 -12.91 26.10
C ILE B 46 -2.96 -14.12 26.05
N GLN B 47 -4.26 -13.87 26.14
CA GLN B 47 -5.24 -14.94 26.09
C GLN B 47 -5.08 -15.74 24.82
N ALA B 48 -4.82 -15.05 23.72
CA ALA B 48 -4.79 -15.72 22.42
C ALA B 48 -3.56 -16.61 22.35
N VAL B 49 -2.45 -16.10 22.89
CA VAL B 49 -1.19 -16.83 22.91
C VAL B 49 -1.37 -18.08 23.75
N GLN B 50 -2.12 -17.95 24.84
CA GLN B 50 -2.37 -19.11 25.70
C GLN B 50 -3.25 -20.14 25.01
N ALA B 51 -4.18 -19.65 24.20
CA ALA B 51 -5.03 -20.55 23.44
C ALA B 51 -4.20 -21.30 22.37
N LEU B 52 -3.31 -20.57 21.69
CA LEU B 52 -2.41 -21.18 20.70
C LEU B 52 -1.56 -22.27 21.37
N GLU B 53 -1.08 -21.97 22.58
CA GLU B 53 -0.16 -22.86 23.27
C GLU B 53 -0.80 -24.21 23.62
N ARG B 54 -2.11 -24.21 23.83
CA ARG B 54 -2.80 -25.46 24.14
C ARG B 54 -2.78 -26.43 22.97
N ASP B 55 -2.53 -25.90 21.76
CA ASP B 55 -2.40 -26.72 20.55
C ASP B 55 -0.94 -26.99 20.14
N GLY B 56 0.01 -26.61 20.98
CA GLY B 56 1.41 -26.87 20.68
C GLY B 56 1.93 -25.82 19.71
N ILE B 57 1.28 -24.66 19.69
CA ILE B 57 1.66 -23.60 18.77
C ILE B 57 2.20 -22.41 19.58
N ALA B 58 3.41 -21.93 19.27
CA ALA B 58 3.94 -20.75 19.97
C ALA B 58 3.40 -19.43 19.45
N GLY B 59 3.68 -18.38 20.20
CA GLY B 59 3.20 -17.07 19.81
C GLY B 59 4.33 -16.10 19.51
N ASN B 60 3.98 -15.08 18.74
CA ASN B 60 4.91 -14.07 18.23
C ASN B 60 4.12 -12.75 18.31
N LEU B 61 4.31 -12.00 19.40
CA LEU B 61 3.42 -10.89 19.68
C LEU B 61 3.79 -9.63 18.91
N ASP B 62 2.78 -8.84 18.55
CA ASP B 62 3.04 -7.62 17.78
C ASP B 62 2.04 -6.55 18.19
N LEU B 63 2.55 -5.38 18.56
CA LEU B 63 1.67 -4.25 18.81
C LEU B 63 1.51 -3.52 17.49
N LEU B 64 0.28 -3.38 17.04
CA LEU B 64 0.00 -2.79 15.75
C LEU B 64 0.29 -1.29 15.74
N GLY B 65 0.79 -0.83 14.61
CA GLY B 65 1.05 0.59 14.40
C GLY B 65 2.31 0.67 13.55
N GLU B 66 2.43 1.72 12.75
CA GLU B 66 3.59 1.86 11.85
C GLU B 66 3.62 3.28 11.30
N PHE B 67 4.73 3.64 10.67
CA PHE B 67 4.95 4.97 10.12
C PHE B 67 4.44 6.07 11.05
N ILE B 68 4.88 6.01 12.31
CA ILE B 68 4.46 6.99 13.27
C ILE B 68 5.25 8.29 13.07
N ASP B 69 4.54 9.40 12.88
CA ASP B 69 5.17 10.65 12.44
C ASP B 69 5.88 11.38 13.58
N SER B 70 5.30 11.31 14.78
CA SER B 70 5.81 12.09 15.92
C SER B 70 6.90 11.34 16.73
N PRO B 71 8.07 11.99 16.93
CA PRO B 71 9.13 11.37 17.75
C PRO B 71 8.61 11.02 19.14
N ALA B 72 7.82 11.90 19.74
CA ALA B 72 7.25 11.64 21.07
C ALA B 72 6.41 10.38 21.04
N LYS B 73 5.61 10.24 19.99
CA LYS B 73 4.76 9.06 19.81
C LYS B 73 5.56 7.78 19.52
N CYS B 74 6.64 7.91 18.74
CA CYS B 74 7.52 6.76 18.53
C CYS B 74 8.10 6.22 19.83
N THR B 75 8.49 7.11 20.72
CA THR B 75 9.05 6.65 22.00
C THR B 75 7.94 6.14 22.92
N GLU B 76 6.74 6.74 22.84
CA GLU B 76 5.58 6.22 23.57
C GLU B 76 5.24 4.81 23.09
N PHE B 77 5.33 4.60 21.78
CA PHE B 77 5.04 3.29 21.20
C PHE B 77 6.04 2.28 21.74
N ALA B 78 7.32 2.64 21.73
CA ALA B 78 8.37 1.76 22.23
C ALA B 78 8.12 1.45 23.72
N ASP B 79 7.69 2.44 24.48
CA ASP B 79 7.34 2.19 25.89
C ASP B 79 6.20 1.18 26.00
N ASP B 80 5.23 1.24 25.07
CA ASP B 80 4.13 0.27 25.06
C ASP B 80 4.60 -1.14 24.70
N VAL B 81 5.61 -1.23 23.86
CA VAL B 81 6.19 -2.55 23.53
C VAL B 81 6.92 -3.10 24.75
N ILE B 82 7.58 -2.23 25.50
CA ILE B 82 8.21 -2.70 26.73
C ILE B 82 7.14 -3.21 27.73
N LYS B 83 6.01 -2.51 27.79
CA LYS B 83 4.94 -2.91 28.70
C LYS B 83 4.41 -4.27 28.28
N LEU B 84 4.31 -4.47 26.97
CA LEU B 84 3.91 -5.78 26.41
C LEU B 84 4.87 -6.88 26.85
N ILE B 85 6.17 -6.63 26.71
CA ILE B 85 7.15 -7.64 27.11
C ILE B 85 7.03 -7.92 28.60
N GLU B 86 6.80 -6.88 29.39
CA GLU B 86 6.73 -7.07 30.84
C GLU B 86 5.54 -7.92 31.21
N ALA B 87 4.40 -7.62 30.58
CA ALA B 87 3.16 -8.40 30.76
C ALA B 87 3.28 -9.85 30.29
N ALA B 88 3.89 -10.06 29.13
CA ALA B 88 4.12 -11.42 28.63
C ALA B 88 4.94 -12.21 29.63
N HIS B 89 6.05 -11.63 30.07
CA HIS B 89 6.85 -12.30 31.09
C HIS B 89 6.05 -12.57 32.38
N ALA B 90 5.27 -11.59 32.80
CA ALA B 90 4.58 -11.73 34.08
C ALA B 90 3.54 -12.84 34.01
N ALA B 91 3.02 -13.13 32.82
CA ALA B 91 2.00 -14.17 32.62
C ALA B 91 2.64 -15.52 32.37
N GLY B 92 3.96 -15.54 32.18
CA GLY B 92 4.66 -16.81 32.00
C GLY B 92 4.83 -17.15 30.53
N ILE B 93 4.69 -16.13 29.68
CA ILE B 93 4.89 -16.30 28.25
C ILE B 93 6.29 -15.76 27.89
N LYS B 94 7.16 -16.64 27.38
CA LYS B 94 8.48 -16.19 26.95
C LYS B 94 8.31 -15.12 25.87
N PRO B 95 8.84 -13.91 26.12
CA PRO B 95 8.49 -12.83 25.20
C PRO B 95 9.15 -12.97 23.82
N TYR B 96 8.34 -13.11 22.79
CA TYR B 96 8.84 -13.19 21.42
C TYR B 96 7.95 -12.19 20.75
N VAL B 97 8.56 -11.10 20.28
CA VAL B 97 7.79 -9.95 19.85
C VAL B 97 8.35 -9.48 18.53
N SER B 98 7.47 -9.12 17.60
CA SER B 98 7.90 -8.55 16.32
C SER B 98 7.59 -7.04 16.32
N ILE B 99 8.55 -6.23 15.90
CA ILE B 99 8.32 -4.80 15.82
C ILE B 99 8.63 -4.30 14.45
N LYS B 100 7.89 -3.25 14.08
CA LYS B 100 8.21 -2.50 12.87
C LYS B 100 9.00 -1.26 13.29
N LEU B 101 10.21 -1.12 12.79
CA LEU B 101 11.04 0.00 13.24
C LEU B 101 10.45 1.36 12.91
N SER B 102 9.51 1.43 11.96
CA SER B 102 8.89 2.70 11.62
C SER B 102 7.92 3.13 12.71
N SER B 103 7.53 2.20 13.58
CA SER B 103 6.70 2.56 14.73
C SER B 103 7.49 3.16 15.90
N VAL B 104 8.82 2.99 15.91
CA VAL B 104 9.61 3.43 17.06
C VAL B 104 10.71 4.46 16.72
N GLY B 105 10.69 4.99 15.50
CA GLY B 105 11.47 6.17 15.18
C GLY B 105 12.51 6.06 14.06
N GLN B 106 12.55 4.91 13.38
CA GLN B 106 13.56 4.70 12.34
C GLN B 106 13.45 5.80 11.32
N GLY B 107 14.58 6.44 11.01
CA GLY B 107 14.58 7.55 10.06
C GLY B 107 14.71 8.88 10.77
N LYS B 108 14.24 8.93 12.01
CA LYS B 108 14.30 10.15 12.81
C LYS B 108 15.61 10.25 13.58
N ASP B 109 16.21 11.44 13.61
CA ASP B 109 17.39 11.66 14.43
C ASP B 109 17.01 12.24 15.79
N GLU B 110 17.56 11.68 16.86
CA GLU B 110 17.30 12.19 18.21
C GLU B 110 18.56 12.03 19.07
N ASN B 111 18.98 13.13 19.70
CA ASN B 111 20.20 13.19 20.47
C ASN B 111 21.39 12.53 19.75
N GLY B 112 21.55 12.89 18.47
CA GLY B 112 22.65 12.40 17.66
C GLY B 112 22.59 10.92 17.28
N GLU B 113 21.40 10.32 17.34
CA GLU B 113 21.24 8.90 16.99
C GLU B 113 19.90 8.66 16.31
N ASP B 114 19.76 7.54 15.58
CA ASP B 114 18.48 7.15 15.00
C ASP B 114 17.54 6.72 16.10
N LEU B 115 16.36 7.37 16.14
CA LEU B 115 15.41 7.12 17.22
C LEU B 115 14.96 5.65 17.24
N GLY B 116 14.79 5.05 16.06
CA GLY B 116 14.37 3.66 16.01
C GLY B 116 15.44 2.75 16.58
N LEU B 117 16.70 3.05 16.25
CA LEU B 117 17.80 2.27 16.77
C LEU B 117 17.85 2.40 18.30
N THR B 118 17.64 3.62 18.80
CA THR B 118 17.65 3.89 20.24
C THR B 118 16.53 3.12 20.90
N ASN B 119 15.34 3.23 20.35
CA ASN B 119 14.22 2.49 20.91
C ASN B 119 14.33 0.97 20.76
N ALA B 120 14.86 0.48 19.63
CA ALA B 120 15.01 -0.97 19.50
C ALA B 120 15.94 -1.51 20.57
N ARG B 121 16.95 -0.72 20.95
CA ARG B 121 17.89 -1.14 21.98
C ARG B 121 17.15 -1.35 23.30
N ARG B 122 16.24 -0.44 23.63
CA ARG B 122 15.52 -0.56 24.90
C ARG B 122 14.60 -1.75 24.84
N ILE B 123 14.04 -2.00 23.66
CA ILE B 123 13.07 -3.08 23.50
C ILE B 123 13.80 -4.44 23.60
N ILE B 124 14.91 -4.56 22.87
CA ILE B 124 15.67 -5.81 22.81
C ILE B 124 16.31 -6.08 24.17
N ALA B 125 16.80 -5.04 24.83
CA ALA B 125 17.40 -5.24 26.18
C ALA B 125 16.36 -5.84 27.13
N LYS B 126 15.14 -5.30 27.07
CA LYS B 126 14.08 -5.81 27.96
C LYS B 126 13.66 -7.26 27.66
N ALA B 127 13.52 -7.59 26.39
CA ALA B 127 13.15 -8.95 26.00
C ALA B 127 14.21 -9.91 26.45
N LYS B 128 15.46 -9.50 26.27
CA LYS B 128 16.60 -10.35 26.60
C LYS B 128 16.69 -10.60 28.10
N GLU B 129 16.25 -9.64 28.91
CA GLU B 129 16.24 -9.79 30.38
C GLU B 129 15.38 -10.99 30.79
N TYR B 130 14.41 -11.31 29.96
CA TYR B 130 13.48 -12.39 30.25
C TYR B 130 13.66 -13.58 29.29
N GLY B 131 14.84 -13.67 28.67
CA GLY B 131 15.15 -14.80 27.81
C GLY B 131 14.33 -14.78 26.54
N GLY B 132 14.00 -13.57 26.08
CA GLY B 132 13.06 -13.43 24.98
C GLY B 132 13.74 -13.16 23.66
N PHE B 133 12.95 -12.79 22.67
CA PHE B 133 13.43 -12.60 21.32
C PHE B 133 12.65 -11.49 20.65
N ILE B 134 13.33 -10.69 19.82
CA ILE B 134 12.68 -9.62 19.05
C ILE B 134 12.95 -9.84 17.57
N CYS B 135 11.90 -9.82 16.76
CA CYS B 135 12.10 -9.84 15.30
C CYS B 135 11.89 -8.44 14.74
N LEU B 136 12.81 -7.97 13.92
CA LEU B 136 12.61 -6.71 13.21
C LEU B 136 11.88 -7.05 11.93
N ASP B 137 10.59 -6.74 11.85
CA ASP B 137 9.82 -6.97 10.63
C ASP B 137 10.41 -6.13 9.50
N MET B 138 10.22 -6.60 8.27
CA MET B 138 10.62 -5.83 7.10
C MET B 138 9.41 -5.14 6.46
N GLU B 139 9.51 -3.82 6.30
CA GLU B 139 8.42 -3.03 5.78
C GLU B 139 8.66 -2.84 4.29
N ASP B 140 8.36 -1.68 3.72
CA ASP B 140 8.49 -1.50 2.27
C ASP B 140 9.96 -1.37 1.80
N HIS B 141 10.18 -1.36 0.49
CA HIS B 141 11.54 -1.49 -0.05
C HIS B 141 12.50 -0.34 0.30
N THR B 142 11.95 0.82 0.65
CA THR B 142 12.77 2.00 0.94
C THR B 142 13.47 1.85 2.29
N ARG B 143 13.02 0.90 3.10
CA ARG B 143 13.61 0.73 4.43
C ARG B 143 14.41 -0.55 4.57
N VAL B 144 14.59 -1.28 3.47
CA VAL B 144 15.31 -2.55 3.58
C VAL B 144 16.76 -2.28 3.97
N ASP B 145 17.40 -1.33 3.30
CA ASP B 145 18.78 -1.04 3.64
C ASP B 145 18.98 -0.65 5.10
N VAL B 146 18.30 0.39 5.55
CA VAL B 146 18.50 0.85 6.92
C VAL B 146 18.12 -0.25 7.92
N THR B 147 17.08 -1.02 7.61
CA THR B 147 16.66 -2.12 8.51
C THR B 147 17.75 -3.19 8.62
N LEU B 148 18.36 -3.56 7.50
CA LEU B 148 19.45 -4.56 7.57
C LEU B 148 20.71 -3.99 8.22
N GLU B 149 20.93 -2.68 8.12
CA GLU B 149 22.09 -2.09 8.77
C GLU B 149 21.92 -2.13 10.29
N GLN B 150 20.74 -1.66 10.76
CA GLN B 150 20.45 -1.64 12.18
C GLN B 150 20.40 -3.05 12.80
N PHE B 151 19.83 -3.99 12.05
CA PHE B 151 19.85 -5.39 12.45
C PHE B 151 21.29 -5.84 12.74
N ARG B 152 22.20 -5.54 11.82
CA ARG B 152 23.61 -5.91 12.03
C ARG B 152 24.21 -5.29 13.30
N THR B 153 23.95 -4.00 13.51
CA THR B 153 24.39 -3.31 14.73
C THR B 153 23.79 -3.99 15.96
N LEU B 154 22.49 -4.25 15.89
CA LEU B 154 21.75 -4.86 17.01
C LEU B 154 22.16 -6.31 17.31
N VAL B 155 22.47 -7.08 16.29
CA VAL B 155 23.02 -8.42 16.53
C VAL B 155 24.34 -8.31 17.27
N GLY B 156 25.15 -7.35 16.86
CA GLY B 156 26.45 -7.17 17.51
C GLY B 156 26.28 -6.95 19.00
N GLU B 157 25.30 -6.14 19.36
CA GLU B 157 25.15 -5.66 20.72
C GLU B 157 24.44 -6.66 21.61
N PHE B 158 23.47 -7.36 21.04
CA PHE B 158 22.62 -8.23 21.86
C PHE B 158 22.73 -9.71 21.52
N GLY B 159 23.32 -10.03 20.37
CA GLY B 159 23.53 -11.43 20.03
C GLY B 159 22.45 -11.91 19.09
N ALA B 160 22.82 -12.84 18.20
CA ALA B 160 21.88 -13.38 17.21
C ALA B 160 20.75 -14.23 17.83
N GLU B 161 20.92 -14.63 19.09
CA GLU B 161 19.90 -15.42 19.78
C GLU B 161 18.82 -14.51 20.34
N HIS B 162 18.97 -13.18 20.21
CA HIS B 162 17.99 -12.28 20.81
C HIS B 162 17.32 -11.34 19.83
N VAL B 163 17.82 -11.30 18.60
CA VAL B 163 17.15 -10.48 17.59
C VAL B 163 17.23 -11.09 16.19
N GLY B 164 16.13 -11.01 15.45
CA GLY B 164 16.08 -11.62 14.14
C GLY B 164 15.50 -10.62 13.16
N THR B 165 15.45 -11.00 11.90
CA THR B 165 14.78 -10.16 10.93
C THR B 165 14.05 -10.98 9.88
N VAL B 166 13.70 -10.33 8.78
CA VAL B 166 12.77 -10.87 7.81
C VAL B 166 13.31 -10.55 6.43
N LEU B 167 13.24 -11.51 5.49
CA LEU B 167 13.44 -11.20 4.07
C LEU B 167 12.21 -11.57 3.27
N GLN B 168 11.92 -10.79 2.23
CA GLN B 168 10.72 -10.98 1.47
C GLN B 168 11.14 -11.51 0.13
N SER B 169 10.53 -12.60 -0.31
CA SER B 169 10.98 -13.28 -1.51
C SER B 169 10.59 -12.52 -2.77
N TYR B 170 9.61 -11.62 -2.69
CA TYR B 170 9.20 -10.94 -3.91
C TYR B 170 10.26 -9.98 -4.42
N LEU B 171 11.22 -9.62 -3.58
CA LEU B 171 12.21 -8.61 -4.00
C LEU B 171 13.38 -9.24 -4.71
N TYR B 172 13.85 -8.57 -5.78
CA TYR B 172 15.02 -9.00 -6.55
C TYR B 172 16.29 -9.02 -5.69
N ARG B 173 16.38 -8.09 -4.73
CA ARG B 173 17.58 -7.98 -3.89
C ARG B 173 17.68 -9.03 -2.77
N SER B 174 16.60 -9.76 -2.53
CA SER B 174 16.51 -10.64 -1.34
C SER B 174 17.50 -11.80 -1.24
N LEU B 175 17.73 -12.54 -2.32
CA LEU B 175 18.67 -13.66 -2.24
C LEU B 175 20.04 -13.10 -1.86
N GLY B 176 20.41 -12.01 -2.53
CA GLY B 176 21.66 -11.32 -2.27
C GLY B 176 21.72 -10.80 -0.84
N ASP B 177 20.61 -10.24 -0.37
CA ASP B 177 20.53 -9.76 1.01
C ASP B 177 20.85 -10.91 1.95
N ARG B 178 20.21 -12.05 1.70
CA ARG B 178 20.33 -13.23 2.57
C ARG B 178 21.77 -13.72 2.74
N ALA B 179 22.49 -13.85 1.64
CA ALA B 179 23.88 -14.30 1.70
C ALA B 179 24.80 -13.22 2.28
N SER B 180 24.41 -11.96 2.13
CA SER B 180 25.15 -10.88 2.78
C SER B 180 25.17 -11.02 4.32
N LEU B 181 24.18 -11.72 4.87
CA LEU B 181 23.99 -11.83 6.32
C LEU B 181 24.50 -13.15 6.89
N ASP B 182 24.98 -14.04 6.01
CA ASP B 182 25.37 -15.40 6.39
C ASP B 182 26.43 -15.42 7.48
N ASP B 183 27.21 -14.34 7.56
CA ASP B 183 28.29 -14.21 8.52
C ASP B 183 27.79 -13.96 9.95
N LEU B 184 26.51 -13.65 10.08
CA LEU B 184 25.90 -13.47 11.40
C LEU B 184 25.22 -14.74 11.89
N ARG B 185 25.16 -15.76 11.02
CA ARG B 185 24.28 -16.93 11.23
C ARG B 185 22.92 -16.50 11.76
N PRO B 186 22.24 -15.61 11.02
CA PRO B 186 21.08 -14.96 11.63
C PRO B 186 19.85 -15.80 11.57
N ASN B 187 18.96 -15.53 12.52
CA ASN B 187 17.60 -16.01 12.53
C ASN B 187 16.83 -15.12 11.57
N ILE B 188 16.40 -15.65 10.42
CA ILE B 188 15.59 -14.88 9.47
C ILE B 188 14.25 -15.55 9.15
N ARG B 189 13.17 -14.76 9.22
CA ARG B 189 11.85 -15.19 8.77
C ARG B 189 11.69 -14.95 7.27
N MET B 190 11.35 -15.99 6.54
CA MET B 190 11.11 -15.84 5.10
C MET B 190 9.63 -15.62 4.83
N VAL B 191 9.28 -14.55 4.13
CA VAL B 191 7.89 -14.23 3.75
C VAL B 191 7.85 -13.90 2.25
N LYS B 192 6.67 -13.95 1.64
CA LYS B 192 6.57 -13.62 0.22
C LYS B 192 6.67 -12.10 0.01
N GLY B 193 6.15 -11.33 0.96
CA GLY B 193 6.09 -9.87 0.84
C GLY B 193 4.65 -9.35 0.90
N ALA B 194 4.41 -8.27 1.68
CA ALA B 194 3.04 -7.82 1.95
C ALA B 194 2.67 -6.47 1.34
N TYR B 195 3.64 -5.81 0.74
CA TYR B 195 3.41 -4.44 0.28
C TYR B 195 3.14 -4.39 -1.21
N LEU B 196 2.66 -3.24 -1.67
CA LEU B 196 2.33 -3.06 -3.08
C LEU B 196 3.56 -2.53 -3.80
N GLU B 197 4.38 -3.45 -4.31
CA GLU B 197 5.70 -3.15 -4.86
C GLU B 197 5.72 -3.29 -6.38
N PRO B 198 6.32 -2.33 -7.07
CA PRO B 198 6.42 -2.21 -8.52
C PRO B 198 7.46 -3.16 -9.10
N ALA B 199 7.32 -3.46 -10.39
CA ALA B 199 8.23 -4.34 -11.13
C ALA B 199 9.68 -3.86 -11.11
N THR B 200 9.90 -2.59 -10.75
CA THR B 200 11.27 -2.10 -10.57
C THR B 200 11.99 -2.86 -9.44
N VAL B 201 11.22 -3.44 -8.52
CA VAL B 201 11.79 -3.99 -7.27
C VAL B 201 11.34 -5.41 -6.96
N ALA B 202 10.19 -5.80 -7.50
CA ALA B 202 9.55 -7.06 -7.10
C ALA B 202 9.08 -7.83 -8.32
N TYR B 203 9.29 -9.13 -8.28
CA TYR B 203 8.76 -10.03 -9.30
C TYR B 203 7.25 -9.86 -9.46
N PRO B 204 6.81 -9.56 -10.68
CA PRO B 204 5.38 -9.45 -10.97
C PRO B 204 4.76 -10.83 -11.08
N ASP B 205 5.53 -11.81 -11.54
CA ASP B 205 5.06 -13.18 -11.69
C ASP B 205 5.00 -13.91 -10.34
N LYS B 206 3.79 -14.26 -9.91
CA LYS B 206 3.54 -14.99 -8.67
C LYS B 206 4.28 -16.33 -8.62
N ALA B 207 4.53 -16.91 -9.78
CA ALA B 207 5.31 -18.14 -9.87
C ALA B 207 6.77 -17.87 -9.53
N ASP B 208 7.25 -16.68 -9.87
CA ASP B 208 8.62 -16.29 -9.55
C ASP B 208 8.79 -15.93 -8.07
N VAL B 209 7.77 -15.29 -7.50
CA VAL B 209 7.71 -15.07 -6.06
C VAL B 209 7.77 -16.41 -5.31
N ASP B 210 6.98 -17.39 -5.77
CA ASP B 210 6.83 -18.64 -5.05
C ASP B 210 8.10 -19.46 -5.18
N GLN B 211 8.76 -19.36 -6.34
CA GLN B 211 10.01 -20.08 -6.55
C GLN B 211 11.18 -19.40 -5.81
N ASN B 212 11.18 -18.06 -5.74
CA ASN B 212 12.24 -17.37 -5.02
C ASN B 212 12.12 -17.57 -3.50
N TYR B 213 10.91 -17.83 -3.03
CA TYR B 213 10.69 -18.15 -1.63
C TYR B 213 11.41 -19.44 -1.24
N ARG B 214 11.29 -20.47 -2.08
CA ARG B 214 11.93 -21.75 -1.78
C ARG B 214 13.45 -21.58 -1.74
N ARG B 215 13.95 -20.82 -2.70
CA ARG B 215 15.38 -20.51 -2.76
C ARG B 215 15.91 -19.86 -1.47
N LEU B 216 15.23 -18.83 -0.97
CA LEU B 216 15.62 -18.19 0.28
C LEU B 216 15.71 -19.16 1.46
N VAL B 217 14.67 -19.96 1.65
CA VAL B 217 14.63 -20.89 2.78
C VAL B 217 15.79 -21.91 2.75
N PHE B 218 16.17 -22.37 1.56
CA PHE B 218 17.15 -23.43 1.46
C PHE B 218 18.58 -22.95 1.63
N GLN B 219 18.93 -21.85 0.97
CA GLN B 219 20.25 -21.25 1.17
C GLN B 219 20.36 -20.98 2.67
N HIS B 220 19.25 -20.55 3.28
CA HIS B 220 19.20 -20.42 4.72
C HIS B 220 19.27 -21.77 5.44
N LEU B 221 18.46 -22.75 5.03
CA LEU B 221 18.48 -24.10 5.67
C LEU B 221 19.78 -24.83 5.36
N LYS B 222 20.16 -24.91 4.10
CA LYS B 222 21.45 -25.51 3.73
C LYS B 222 22.63 -24.82 4.44
N ALA B 223 22.47 -23.58 4.89
CA ALA B 223 23.56 -22.89 5.60
C ALA B 223 23.55 -22.97 7.13
N GLY B 224 22.61 -23.71 7.71
CA GLY B 224 22.59 -23.89 9.15
C GLY B 224 22.09 -22.69 9.93
N ASN B 225 21.49 -21.73 9.23
CA ASN B 225 20.88 -20.59 9.91
C ASN B 225 19.44 -20.90 10.27
N TYR B 226 19.03 -20.56 11.50
CA TYR B 226 17.65 -20.79 11.90
C TYR B 226 16.71 -20.05 10.97
N THR B 227 15.70 -20.76 10.48
CA THR B 227 14.84 -20.24 9.42
C THR B 227 13.39 -20.27 9.86
N ASN B 228 12.69 -19.15 9.73
CA ASN B 228 11.26 -19.17 10.04
C ASN B 228 10.51 -19.20 8.73
N VAL B 229 9.85 -20.33 8.44
CA VAL B 229 9.09 -20.50 7.20
C VAL B 229 7.67 -19.93 7.36
N ALA B 230 7.53 -18.64 7.10
CA ALA B 230 6.27 -17.92 7.34
C ALA B 230 5.42 -17.85 6.07
N THR B 231 4.49 -18.80 5.93
CA THR B 231 3.62 -18.83 4.75
C THR B 231 2.39 -19.67 5.07
N HIS B 232 1.31 -19.47 4.32
CA HIS B 232 0.10 -20.27 4.46
C HIS B 232 -0.14 -21.05 3.17
N ASP B 233 0.86 -21.03 2.30
CA ASP B 233 0.79 -21.68 1.02
C ASP B 233 1.09 -23.16 1.19
N GLU B 234 0.04 -23.99 1.16
CA GLU B 234 0.15 -25.42 1.45
C GLU B 234 1.12 -26.13 0.48
N ARG B 235 1.24 -25.65 -0.75
CA ARG B 235 2.19 -26.24 -1.70
C ARG B 235 3.66 -26.08 -1.28
N ILE B 236 4.04 -24.89 -0.81
CA ILE B 236 5.37 -24.61 -0.26
C ILE B 236 5.62 -25.31 1.08
N ILE B 237 4.61 -25.34 1.94
CA ILE B 237 4.71 -26.07 3.18
C ILE B 237 4.97 -27.55 2.91
N ASP B 238 4.23 -28.14 1.97
CA ASP B 238 4.44 -29.56 1.66
C ASP B 238 5.84 -29.79 1.10
N ASP B 239 6.28 -28.88 0.22
CA ASP B 239 7.65 -28.92 -0.31
C ASP B 239 8.74 -28.80 0.76
N VAL B 240 8.59 -27.87 1.71
CA VAL B 240 9.58 -27.70 2.78
C VAL B 240 9.76 -28.96 3.65
N LYS B 241 8.65 -29.56 4.04
CA LYS B 241 8.69 -30.84 4.76
C LYS B 241 9.47 -31.89 3.98
N ARG B 242 9.19 -32.01 2.68
CA ARG B 242 9.84 -33.02 1.85
C ARG B 242 11.34 -32.75 1.83
N PHE B 243 11.68 -31.48 1.63
CA PHE B 243 13.06 -31.04 1.66
C PHE B 243 13.71 -31.45 2.96
N VAL B 244 13.08 -31.03 4.07
CA VAL B 244 13.60 -31.22 5.43
C VAL B 244 14.00 -32.67 5.70
N LEU B 245 13.09 -33.59 5.38
CA LEU B 245 13.38 -35.00 5.59
C LEU B 245 14.59 -35.39 4.74
N ALA B 246 14.44 -35.26 3.43
CA ALA B 246 15.44 -35.70 2.46
C ALA B 246 16.85 -35.16 2.74
N HIS B 247 16.93 -34.08 3.51
CA HIS B 247 18.23 -33.48 3.79
C HIS B 247 18.70 -33.67 5.23
N GLY B 248 17.88 -34.32 6.05
CA GLY B 248 18.30 -34.66 7.41
C GLY B 248 18.44 -33.45 8.31
N ILE B 249 17.71 -32.40 8.00
CA ILE B 249 17.64 -31.23 8.88
C ILE B 249 16.62 -31.49 10.02
N GLY B 250 17.01 -31.17 11.25
CA GLY B 250 16.17 -31.48 12.41
C GLY B 250 15.11 -30.44 12.66
N LYS B 251 14.11 -30.80 13.49
CA LYS B 251 13.04 -29.86 13.81
C LYS B 251 13.57 -28.66 14.58
N ASP B 252 14.79 -28.76 15.10
CA ASP B 252 15.39 -27.67 15.85
C ASP B 252 16.08 -26.65 14.91
N ALA B 253 16.01 -26.88 13.62
CA ALA B 253 16.68 -25.98 12.66
C ALA B 253 15.75 -24.92 12.07
N PHE B 254 14.46 -25.00 12.40
CA PHE B 254 13.47 -24.15 11.74
C PHE B 254 12.11 -24.23 12.40
N GLU B 255 11.20 -23.33 12.00
CA GLU B 255 9.81 -23.45 12.41
C GLU B 255 8.92 -22.90 11.30
N PHE B 256 7.69 -23.40 11.25
CA PHE B 256 6.69 -22.78 10.38
C PHE B 256 6.05 -21.63 11.12
N GLN B 257 5.68 -20.57 10.39
CA GLN B 257 4.99 -19.45 11.02
C GLN B 257 3.76 -19.05 10.20
N MET B 258 2.70 -18.61 10.88
CA MET B 258 1.50 -18.16 10.17
C MET B 258 0.94 -16.94 10.88
N LEU B 259 0.11 -16.16 10.17
CA LEU B 259 -0.57 -15.00 10.75
C LEU B 259 -1.82 -15.51 11.44
N TYR B 260 -2.11 -14.91 12.58
CA TYR B 260 -3.33 -15.22 13.33
C TYR B 260 -4.55 -15.26 12.42
N GLY B 261 -5.35 -16.32 12.56
CA GLY B 261 -6.58 -16.42 11.80
C GLY B 261 -6.49 -16.89 10.36
N ILE B 262 -5.29 -17.06 9.81
CA ILE B 262 -5.18 -17.63 8.45
C ILE B 262 -4.74 -19.12 8.48
N ARG B 263 -5.51 -19.97 7.79
CA ARG B 263 -5.28 -21.43 7.82
C ARG B 263 -5.04 -21.99 9.24
N ARG B 264 -5.96 -21.70 10.16
CA ARG B 264 -5.89 -22.26 11.53
C ARG B 264 -5.77 -23.79 11.47
N ASP B 265 -6.36 -24.39 10.46
CA ASP B 265 -6.25 -25.84 10.24
C ASP B 265 -4.79 -26.25 10.00
N LEU B 266 -4.09 -25.55 9.12
CA LEU B 266 -2.69 -25.88 8.87
C LEU B 266 -1.85 -25.68 10.14
N GLN B 267 -2.11 -24.59 10.87
CA GLN B 267 -1.35 -24.30 12.07
C GLN B 267 -1.47 -25.48 13.05
N LYS B 268 -2.71 -25.95 13.26
CA LYS B 268 -2.96 -27.02 14.22
C LYS B 268 -2.39 -28.34 13.74
N GLN B 269 -2.50 -28.61 12.43
CA GLN B 269 -2.04 -29.88 11.88
C GLN B 269 -0.52 -30.04 11.94
N LEU B 270 0.19 -28.97 11.63
CA LEU B 270 1.64 -28.99 11.60
C LEU B 270 2.18 -29.22 13.01
N ALA B 271 1.54 -28.59 14.00
CA ALA B 271 1.89 -28.80 15.39
C ALA B 271 1.54 -30.21 15.83
N ALA B 272 0.39 -30.72 15.39
CA ALA B 272 0.03 -32.11 15.71
C ALA B 272 1.03 -33.12 15.13
N GLU B 273 1.69 -32.71 14.04
CA GLU B 273 2.70 -33.55 13.39
C GLU B 273 4.08 -33.46 14.04
N GLY B 274 4.24 -32.52 14.98
CA GLY B 274 5.51 -32.37 15.69
C GLY B 274 6.47 -31.30 15.18
N TYR B 275 6.06 -30.54 14.16
CA TYR B 275 6.85 -29.39 13.73
C TYR B 275 6.69 -28.23 14.71
N ARG B 276 7.74 -27.42 14.83
CA ARG B 276 7.58 -26.13 15.49
C ARG B 276 6.67 -25.23 14.65
N VAL B 277 5.70 -24.60 15.30
CA VAL B 277 4.80 -23.65 14.63
C VAL B 277 4.70 -22.46 15.54
N ARG B 278 4.86 -21.26 14.99
CA ARG B 278 4.67 -20.04 15.79
C ARG B 278 3.76 -19.05 15.06
N VAL B 279 2.73 -18.57 15.75
CA VAL B 279 1.76 -17.70 15.08
C VAL B 279 1.98 -16.23 15.43
N TYR B 280 1.95 -15.38 14.39
CA TYR B 280 2.07 -13.95 14.54
C TYR B 280 0.75 -13.43 15.09
N LEU B 281 0.85 -12.74 16.22
CA LEU B 281 -0.31 -12.42 17.03
C LEU B 281 -0.38 -10.90 17.27
N PRO B 282 -1.11 -10.20 16.41
CA PRO B 282 -1.19 -8.74 16.45
C PRO B 282 -2.34 -8.25 17.30
N TYR B 283 -2.14 -7.17 18.04
CA TYR B 283 -3.23 -6.62 18.85
C TYR B 283 -3.05 -5.11 18.90
N GLY B 284 -4.08 -4.40 19.32
CA GLY B 284 -3.94 -2.97 19.45
C GLY B 284 -5.06 -2.23 18.77
N ARG B 285 -5.19 -0.95 19.08
CA ARG B 285 -6.21 -0.11 18.46
C ARG B 285 -5.86 0.36 17.03
N ASP B 286 -4.58 0.39 16.65
CA ASP B 286 -4.18 0.97 15.36
C ASP B 286 -4.02 -0.13 14.30
N TRP B 287 -5.14 -0.77 13.99
CA TRP B 287 -5.11 -2.01 13.21
C TRP B 287 -5.41 -1.79 11.73
N TYR B 288 -5.64 -0.54 11.32
CA TYR B 288 -6.03 -0.27 9.91
C TYR B 288 -5.02 -0.74 8.84
N ALA B 289 -3.74 -0.47 9.06
CA ALA B 289 -2.72 -0.80 8.04
C ALA B 289 -2.57 -2.32 7.89
N TYR B 290 -2.34 -3.00 8.99
CA TYR B 290 -2.24 -4.46 8.98
C TYR B 290 -3.51 -5.09 8.37
N PHE B 291 -4.68 -4.64 8.81
CA PHE B 291 -5.92 -5.21 8.29
C PHE B 291 -6.02 -4.98 6.79
N SER B 292 -5.64 -3.79 6.33
CA SER B 292 -5.72 -3.55 4.89
C SER B 292 -4.84 -4.51 4.11
N ARG B 293 -3.69 -4.88 4.65
CA ARG B 293 -2.82 -5.80 3.87
C ARG B 293 -3.44 -7.18 3.84
N ARG B 294 -4.17 -7.54 4.89
CA ARG B 294 -4.86 -8.84 4.88
C ARG B 294 -5.98 -8.84 3.83
N ILE B 295 -6.71 -7.74 3.73
CA ILE B 295 -7.74 -7.62 2.70
C ILE B 295 -7.14 -7.70 1.28
N ALA B 296 -6.04 -6.99 1.05
CA ALA B 296 -5.42 -6.96 -0.28
C ALA B 296 -4.97 -8.36 -0.69
N GLU B 297 -4.79 -9.22 0.30
CA GLU B 297 -4.30 -10.58 0.07
C GLU B 297 -5.40 -11.65 0.01
N THR B 298 -6.67 -11.23 0.08
CA THR B 298 -7.81 -12.17 0.04
C THR B 298 -7.81 -12.94 -1.29
N PRO B 299 -7.90 -14.29 -1.24
CA PRO B 299 -7.94 -15.08 -2.48
C PRO B 299 -9.13 -14.75 -3.38
#